data_3PY9
#
_entry.id   3PY9
#
_cell.length_a   55.681
_cell.length_b   69.103
_cell.length_c   88.430
_cell.angle_alpha   90.00
_cell.angle_beta   90.00
_cell.angle_gamma   90.00
#
_symmetry.space_group_name_H-M   'P 21 21 2'
#
loop_
_entity.id
_entity.type
_entity.pdbx_description
1 polymer 'Protein kinase'
2 non-polymer 'EUROPIUM ION'
3 water water
#
_entity_poly.entity_id   1
_entity_poly.type   'polypeptide(L)'
_entity_poly.pdbx_seq_one_letter_code
;MFGNKYEETPDVIGKSVKEAEQIFNKNNLKLGKISRSYSDKYPENEIIKTTPNTGERVERGDSVDVVISKGPEKVKMPNV
IGLPKEEALQKLKSLGLKDVTIEKVYNNQAPKGYIANQSVTANTEIAIHDSNIKLYESLGIKQVYVEDFEHKSFSKAKKA
LEEKGFKVESKEEYSDDIDEGDVISQSPKGKSVDEGSTISFVVSKGKKSDSSDVKTTTESVDVPYTGKNDKSQKVKVYIK
DKDNDGSTEKGSFDITSDQRIDIPLRIEKGKTASYIVKVDGKTVAEKEVSYDDI
;
_entity_poly.pdbx_strand_id   A
#
loop_
_chem_comp.id
_chem_comp.type
_chem_comp.name
_chem_comp.formula
EU non-polymer 'EUROPIUM ION' 'Eu 2'
#
# COMPACT_ATOMS: atom_id res chain seq x y z
N GLU A 8 -63.86 0.72 22.49
CA GLU A 8 -62.86 0.68 21.37
C GLU A 8 -61.40 0.76 21.79
N THR A 9 -60.54 0.04 21.08
CA THR A 9 -59.14 -0.06 21.49
C THR A 9 -58.40 1.27 21.41
N PRO A 10 -57.83 1.72 22.57
CA PRO A 10 -57.03 2.95 22.70
C PRO A 10 -55.69 2.88 21.96
N ASP A 11 -55.15 4.05 21.60
CA ASP A 11 -53.88 4.16 20.91
C ASP A 11 -52.74 4.25 21.93
N VAL A 12 -51.84 3.27 21.89
CA VAL A 12 -50.66 3.28 22.76
C VAL A 12 -49.39 3.16 21.94
N ILE A 13 -49.53 3.29 20.62
CA ILE A 13 -48.41 3.15 19.70
C ILE A 13 -47.32 4.18 20.05
N GLY A 14 -46.07 3.75 20.01
CA GLY A 14 -44.94 4.60 20.39
C GLY A 14 -44.77 4.80 21.89
N LYS A 15 -45.72 4.31 22.68
CA LYS A 15 -45.66 4.44 24.14
C LYS A 15 -44.89 3.29 24.80
N SER A 16 -44.61 3.42 26.09
CA SER A 16 -44.03 2.31 26.88
C SER A 16 -45.12 1.38 27.47
N VAL A 17 -44.69 0.18 27.89
CA VAL A 17 -45.59 -0.81 28.50
C VAL A 17 -46.19 -0.24 29.78
N LYS A 18 -45.33 0.46 30.53
CA LYS A 18 -45.69 1.15 31.76
C LYS A 18 -46.91 2.05 31.49
N GLU A 19 -46.77 2.98 30.53
CA GLU A 19 -47.88 3.85 30.12
C GLU A 19 -49.07 3.09 29.50
N ALA A 20 -48.79 2.14 28.60
CA ALA A 20 -49.86 1.40 27.93
C ALA A 20 -50.84 0.73 28.89
N GLU A 21 -50.31 0.07 29.93
CA GLU A 21 -51.18 -0.61 30.90
C GLU A 21 -52.02 0.41 31.66
N GLN A 22 -51.37 1.52 32.02
CA GLN A 22 -52.08 2.70 32.53
C GLN A 22 -53.25 3.13 31.63
N ILE A 23 -53.01 3.31 30.33
CA ILE A 23 -54.12 3.66 29.41
C ILE A 23 -55.18 2.54 29.31
N PHE A 24 -54.76 1.27 29.32
CA PHE A 24 -55.70 0.14 29.22
C PHE A 24 -56.59 0.02 30.45
N ASN A 25 -56.00 0.16 31.64
CA ASN A 25 -56.75 0.01 32.89
C ASN A 25 -57.81 1.08 33.00
N LYS A 26 -57.40 2.31 32.78
CA LYS A 26 -58.27 3.47 32.70
C LYS A 26 -59.46 3.22 31.76
N ASN A 27 -59.22 2.50 30.68
CA ASN A 27 -60.25 2.18 29.67
C ASN A 27 -61.03 0.89 29.93
N ASN A 28 -60.89 0.33 31.13
CA ASN A 28 -61.48 -0.96 31.50
C ASN A 28 -61.05 -2.18 30.63
N LEU A 29 -59.74 -2.29 30.40
CA LEU A 29 -59.13 -3.30 29.53
C LEU A 29 -57.87 -3.79 30.23
N LYS A 30 -57.41 -4.99 29.87
CA LYS A 30 -56.21 -5.57 30.47
C LYS A 30 -55.03 -5.56 29.51
N LEU A 31 -53.82 -5.36 30.04
CA LEU A 31 -52.61 -5.59 29.26
C LEU A 31 -52.55 -7.07 28.91
N GLY A 32 -52.46 -7.38 27.62
CA GLY A 32 -52.42 -8.77 27.19
C GLY A 32 -51.00 -9.27 27.15
N LYS A 33 -50.70 -10.09 26.15
CA LYS A 33 -49.37 -10.64 26.03
C LYS A 33 -48.39 -9.58 25.52
N ILE A 34 -47.13 -9.71 25.92
CA ILE A 34 -46.08 -8.81 25.46
C ILE A 34 -45.12 -9.62 24.61
N SER A 35 -44.93 -9.15 23.38
CA SER A 35 -43.92 -9.75 22.50
C SER A 35 -43.01 -8.66 21.93
N ARG A 36 -41.89 -9.09 21.33
CA ARG A 36 -40.80 -8.19 20.95
C ARG A 36 -40.43 -8.40 19.49
N SER A 37 -40.31 -7.29 18.78
CA SER A 37 -40.01 -7.32 17.37
C SER A 37 -38.97 -6.24 17.05
N TYR A 38 -38.06 -6.57 16.15
CA TYR A 38 -37.14 -5.57 15.63
C TYR A 38 -37.90 -4.48 14.89
N SER A 39 -37.44 -3.23 15.03
CA SER A 39 -38.03 -2.07 14.33
C SER A 39 -36.98 -1.01 14.09
N ASP A 40 -37.07 -0.33 12.96
CA ASP A 40 -36.23 0.82 12.68
C ASP A 40 -37.03 2.10 12.90
N LYS A 41 -38.35 1.98 12.72
CA LYS A 41 -39.30 3.08 12.91
C LYS A 41 -39.46 3.54 14.38
N TYR A 42 -39.39 2.61 15.32
CA TYR A 42 -39.59 2.92 16.75
C TYR A 42 -38.39 2.59 17.64
N PRO A 43 -37.96 3.56 18.48
CA PRO A 43 -36.89 3.37 19.44
C PRO A 43 -37.19 2.18 20.36
N GLU A 44 -36.15 1.37 20.77
CA GLU A 44 -36.34 0.18 21.62
C GLU A 44 -37.18 0.47 22.90
N ASN A 45 -38.19 -0.39 23.08
CA ASN A 45 -39.16 -0.45 24.19
C ASN A 45 -40.25 0.60 24.18
N GLU A 46 -40.74 0.75 22.98
CA GLU A 46 -41.83 1.59 22.57
C GLU A 46 -42.76 0.56 21.94
N ILE A 47 -44.09 0.72 22.11
CA ILE A 47 -45.11 -0.11 21.45
C ILE A 47 -45.08 0.08 19.93
N ILE A 48 -45.03 -1.02 19.19
CA ILE A 48 -44.93 -1.09 17.74
C ILE A 48 -46.31 -1.27 17.12
N LYS A 49 -47.14 -2.07 17.79
CA LYS A 49 -48.36 -2.64 17.23
C LYS A 49 -49.22 -3.08 18.39
N THR A 50 -50.55 -3.07 18.23
CA THR A 50 -51.42 -3.72 19.20
C THR A 50 -52.42 -4.65 18.54
N THR A 51 -52.91 -5.62 19.30
CA THR A 51 -54.04 -6.45 18.90
C THR A 51 -55.05 -6.49 20.03
N PRO A 52 -56.28 -5.98 19.79
CA PRO A 52 -56.75 -5.31 18.56
C PRO A 52 -55.96 -4.03 18.23
N ASN A 53 -56.00 -3.61 16.97
CA ASN A 53 -55.44 -2.31 16.55
C ASN A 53 -56.21 -1.14 17.16
N THR A 54 -55.57 0.03 17.21
CA THR A 54 -56.21 1.26 17.69
C THR A 54 -57.58 1.37 17.01
N GLY A 55 -58.59 1.78 17.78
CA GLY A 55 -59.91 2.01 17.20
C GLY A 55 -60.70 0.78 16.79
N GLU A 56 -60.09 -0.41 16.84
CA GLU A 56 -60.84 -1.66 16.63
C GLU A 56 -61.72 -2.00 17.84
N ARG A 57 -62.95 -2.46 17.58
CA ARG A 57 -63.97 -2.69 18.61
C ARG A 57 -63.49 -3.66 19.69
N VAL A 58 -63.89 -3.40 20.93
CA VAL A 58 -63.47 -4.19 22.08
C VAL A 58 -64.60 -4.19 23.13
N GLU A 59 -64.62 -5.18 24.03
CA GLU A 59 -65.59 -5.20 25.14
C GLU A 59 -64.93 -5.11 26.51
N ARG A 60 -65.71 -4.69 27.51
CA ARG A 60 -65.21 -4.40 28.86
C ARG A 60 -64.42 -5.60 29.37
N GLY A 61 -63.19 -5.35 29.80
CA GLY A 61 -62.38 -6.43 30.34
C GLY A 61 -61.57 -7.25 29.35
N ASP A 62 -61.80 -7.07 28.04
CA ASP A 62 -60.96 -7.78 27.05
C ASP A 62 -59.51 -7.35 27.30
N SER A 63 -58.55 -8.19 26.89
CA SER A 63 -57.12 -7.81 26.94
C SER A 63 -56.67 -7.18 25.65
N VAL A 64 -55.50 -6.55 25.65
CA VAL A 64 -54.92 -6.02 24.43
C VAL A 64 -53.45 -6.41 24.39
N ASP A 65 -53.11 -7.27 23.44
CA ASP A 65 -51.73 -7.69 23.24
C ASP A 65 -50.89 -6.56 22.68
N VAL A 66 -49.61 -6.52 23.06
CA VAL A 66 -48.71 -5.46 22.58
C VAL A 66 -47.42 -6.04 22.05
N VAL A 67 -46.92 -5.44 20.97
CA VAL A 67 -45.60 -5.78 20.43
C VAL A 67 -44.70 -4.58 20.72
N ILE A 68 -43.51 -4.85 21.24
CA ILE A 68 -42.51 -3.86 21.68
C ILE A 68 -41.28 -3.85 20.75
N SER A 69 -40.73 -2.65 20.49
CA SER A 69 -39.51 -2.53 19.68
C SER A 69 -38.27 -3.04 20.41
N LYS A 70 -37.52 -3.89 19.72
CA LYS A 70 -36.18 -4.30 20.14
C LYS A 70 -35.13 -3.45 19.41
N GLY A 71 -35.57 -2.34 18.84
CA GLY A 71 -34.67 -1.47 18.09
C GLY A 71 -34.29 -2.13 16.77
N PRO A 72 -33.43 -1.47 16.00
CA PRO A 72 -33.03 -1.97 14.67
C PRO A 72 -32.39 -3.37 14.72
N GLU A 73 -32.77 -4.25 13.80
CA GLU A 73 -32.06 -5.53 13.62
C GLU A 73 -30.66 -5.24 13.07
N LYS A 74 -29.64 -5.88 13.66
CA LYS A 74 -28.23 -5.58 13.34
C LYS A 74 -27.41 -6.82 12.98
N VAL A 75 -26.30 -6.61 12.26
CA VAL A 75 -25.30 -7.67 11.99
C VAL A 75 -23.88 -7.19 12.27
N LYS A 76 -22.95 -8.14 12.33
CA LYS A 76 -21.52 -7.83 12.36
C LYS A 76 -21.03 -7.51 10.94
N MET A 77 -20.50 -6.31 10.75
CA MET A 77 -19.91 -5.94 9.47
C MET A 77 -18.74 -6.88 9.15
N PRO A 78 -18.81 -7.56 7.98
CA PRO A 78 -17.72 -8.41 7.53
C PRO A 78 -16.52 -7.59 7.01
N ASN A 79 -15.36 -8.24 6.94
CA ASN A 79 -14.15 -7.62 6.39
C ASN A 79 -14.07 -8.03 4.93
N VAL A 80 -14.21 -7.05 4.05
CA VAL A 80 -14.29 -7.29 2.60
C VAL A 80 -13.14 -6.61 1.84
N ILE A 81 -12.33 -5.85 2.57
CA ILE A 81 -11.14 -5.20 2.04
C ILE A 81 -10.22 -6.20 1.36
N GLY A 82 -9.86 -5.94 0.11
CA GLY A 82 -8.95 -6.81 -0.61
C GLY A 82 -9.58 -7.92 -1.43
N LEU A 83 -10.88 -8.16 -1.25
CA LEU A 83 -11.64 -9.09 -2.10
C LEU A 83 -12.06 -8.41 -3.38
N PRO A 84 -12.29 -9.20 -4.47
CA PRO A 84 -12.89 -8.65 -5.70
C PRO A 84 -14.28 -8.12 -5.41
N LYS A 85 -14.73 -7.13 -6.19
CA LYS A 85 -15.98 -6.42 -5.96
C LYS A 85 -17.18 -7.33 -5.73
N GLU A 86 -17.35 -8.33 -6.60
CA GLU A 86 -18.53 -9.20 -6.52
C GLU A 86 -18.52 -10.11 -5.29
N GLU A 87 -17.35 -10.64 -4.92
CA GLU A 87 -17.22 -11.40 -3.66
C GLU A 87 -17.64 -10.53 -2.46
N ALA A 88 -17.15 -9.29 -2.46
CA ALA A 88 -17.45 -8.31 -1.42
C ALA A 88 -18.96 -8.09 -1.23
N LEU A 89 -19.68 -7.96 -2.35
CA LEU A 89 -21.10 -7.63 -2.36
C LEU A 89 -21.93 -8.82 -1.93
N GLN A 90 -21.58 -9.99 -2.48
CA GLN A 90 -22.21 -11.25 -2.07
C GLN A 90 -22.10 -11.44 -0.56
N LYS A 91 -20.88 -11.32 -0.02
CA LYS A 91 -20.63 -11.46 1.42
C LYS A 91 -21.48 -10.49 2.26
N LEU A 92 -21.80 -9.35 1.68
CA LEU A 92 -22.67 -8.36 2.32
C LEU A 92 -24.15 -8.77 2.25
N LYS A 93 -24.60 -9.16 1.07
CA LYS A 93 -25.96 -9.67 0.86
C LYS A 93 -26.23 -10.87 1.77
N SER A 94 -25.27 -11.79 1.83
CA SER A 94 -25.38 -13.00 2.66
C SER A 94 -25.75 -12.69 4.12
N LEU A 95 -25.62 -11.42 4.51
CA LEU A 95 -26.03 -10.98 5.85
C LEU A 95 -27.21 -10.02 5.81
N GLY A 96 -27.83 -9.87 4.64
CA GLY A 96 -28.96 -8.97 4.45
C GLY A 96 -28.59 -7.52 4.24
N LEU A 97 -27.28 -7.25 4.07
CA LEU A 97 -26.78 -5.90 3.79
C LEU A 97 -26.81 -5.59 2.29
N LYS A 98 -27.85 -4.88 1.85
CA LYS A 98 -28.07 -4.64 0.43
C LYS A 98 -27.96 -3.17 0.00
N ASP A 99 -27.93 -2.25 0.96
CA ASP A 99 -27.79 -0.81 0.67
C ASP A 99 -26.30 -0.45 0.55
N VAL A 100 -25.70 -0.79 -0.59
CA VAL A 100 -24.25 -0.62 -0.76
C VAL A 100 -23.97 0.22 -1.98
N THR A 101 -23.25 1.32 -1.77
CA THR A 101 -22.83 2.16 -2.86
C THR A 101 -21.33 1.96 -3.14
N ILE A 102 -20.96 1.84 -4.41
CA ILE A 102 -19.55 1.76 -4.83
C ILE A 102 -19.00 3.11 -5.30
N GLU A 103 -17.75 3.37 -4.91
CA GLU A 103 -16.96 4.52 -5.33
C GLU A 103 -15.63 4.00 -5.84
N LYS A 104 -15.27 4.42 -7.04
CA LYS A 104 -14.01 3.99 -7.63
C LYS A 104 -12.92 5.01 -7.37
N VAL A 105 -11.78 4.55 -6.87
CA VAL A 105 -10.67 5.42 -6.56
C VAL A 105 -9.40 4.71 -6.96
N TYR A 106 -8.36 5.46 -7.26
CA TYR A 106 -7.06 4.88 -7.41
C TYR A 106 -6.54 4.48 -6.05
N ASN A 107 -5.79 3.39 -6.02
CA ASN A 107 -5.30 2.86 -4.75
C ASN A 107 -4.04 2.02 -4.96
N ASN A 108 -3.16 1.96 -3.95
CA ASN A 108 -1.88 1.23 -4.07
C ASN A 108 -1.74 -0.05 -3.24
N GLN A 109 -2.81 -0.40 -2.54
CA GLN A 109 -2.85 -1.59 -1.70
C GLN A 109 -3.63 -2.74 -2.37
N ALA A 110 -4.73 -2.41 -3.05
CA ALA A 110 -5.59 -3.43 -3.67
C ALA A 110 -5.56 -3.29 -5.18
N PRO A 111 -5.54 -4.43 -5.91
CA PRO A 111 -5.47 -4.30 -7.37
C PRO A 111 -6.79 -3.82 -8.01
N LYS A 112 -6.72 -3.38 -9.27
CA LYS A 112 -7.92 -2.93 -9.98
C LYS A 112 -9.06 -3.93 -9.83
N GLY A 113 -10.24 -3.44 -9.48
CA GLY A 113 -11.44 -4.27 -9.28
C GLY A 113 -11.63 -4.83 -7.86
N TYR A 114 -10.68 -4.56 -6.97
CA TYR A 114 -10.73 -5.07 -5.59
C TYR A 114 -10.99 -3.93 -4.61
N ILE A 115 -11.72 -4.23 -3.54
CA ILE A 115 -12.11 -3.27 -2.52
C ILE A 115 -10.92 -2.75 -1.70
N ALA A 116 -10.69 -1.44 -1.76
CA ALA A 116 -9.60 -0.78 -1.03
C ALA A 116 -9.98 -0.33 0.39
N ASN A 117 -11.29 -0.15 0.63
CA ASN A 117 -11.77 0.47 1.87
C ASN A 117 -13.27 0.19 2.06
N GLN A 118 -13.65 0.09 3.34
CA GLN A 118 -15.02 -0.02 3.83
C GLN A 118 -15.40 1.19 4.64
N SER A 119 -16.59 1.71 4.32
CA SER A 119 -17.32 2.70 5.09
C SER A 119 -17.39 2.33 6.57
N VAL A 120 -17.76 1.09 6.84
CA VAL A 120 -18.10 0.63 8.19
C VAL A 120 -17.04 -0.40 8.62
N THR A 121 -16.38 -0.17 9.74
CA THR A 121 -15.20 -0.98 10.06
C THR A 121 -15.57 -2.39 10.49
N ALA A 122 -14.73 -3.35 10.13
CA ALA A 122 -15.04 -4.78 10.22
C ALA A 122 -15.51 -5.22 11.60
N THR A 124 -18.00 -4.37 13.51
CA THR A 124 -19.04 -3.53 14.12
C THR A 124 -20.44 -4.08 13.85
N GLU A 125 -21.34 -3.88 14.81
CA GLU A 125 -22.78 -4.17 14.60
C GLU A 125 -23.35 -3.06 13.75
N ILE A 126 -23.95 -3.43 12.62
CA ILE A 126 -24.65 -2.45 11.79
C ILE A 126 -26.10 -2.87 11.54
N ALA A 127 -26.99 -1.88 11.56
CA ALA A 127 -28.40 -2.09 11.20
C ALA A 127 -28.56 -2.49 9.72
N ILE A 128 -29.36 -3.53 9.46
CA ILE A 128 -29.47 -4.07 8.10
C ILE A 128 -30.42 -3.26 7.19
N HIS A 129 -31.01 -2.22 7.75
CA HIS A 129 -31.86 -1.30 6.98
C HIS A 129 -31.37 0.17 7.01
N ASP A 130 -31.25 0.76 5.81
CA ASP A 130 -30.63 2.10 5.58
C ASP A 130 -29.22 2.19 6.16
N SER A 131 -28.44 1.13 5.95
CA SER A 131 -27.10 0.99 6.53
C SER A 131 -26.06 1.93 5.91
N ASN A 132 -26.38 2.44 4.72
CA ASN A 132 -25.49 3.31 3.95
C ASN A 132 -24.05 2.82 3.95
N ILE A 133 -23.82 1.58 3.49
CA ILE A 133 -22.44 1.11 3.32
C ILE A 133 -21.89 1.74 2.04
N LYS A 134 -20.64 2.20 2.13
CA LYS A 134 -19.90 2.62 0.96
C LYS A 134 -18.65 1.77 0.83
N LEU A 135 -18.43 1.23 -0.37
CA LEU A 135 -17.27 0.44 -0.64
C LEU A 135 -16.42 1.19 -1.66
N TYR A 136 -15.11 1.15 -1.44
CA TYR A 136 -14.19 1.87 -2.28
C TYR A 136 -13.44 0.85 -3.11
N GLU A 137 -13.76 0.83 -4.39
CA GLU A 137 -13.21 -0.16 -5.31
C GLU A 137 -11.97 0.42 -5.93
N SER A 138 -10.88 -0.34 -5.93
CA SER A 138 -9.62 0.12 -6.51
C SER A 138 -9.68 0.22 -8.05
N LEU A 139 -9.15 1.30 -8.59
CA LEU A 139 -8.90 1.37 -10.03
C LEU A 139 -7.45 1.02 -10.33
N GLY A 140 -6.75 0.42 -9.36
CA GLY A 140 -5.30 0.25 -9.42
C GLY A 140 -4.60 1.57 -9.20
N ILE A 141 -3.26 1.59 -9.31
CA ILE A 141 -2.50 2.82 -9.19
C ILE A 141 -2.72 3.70 -10.42
N LYS A 142 -2.79 5.01 -10.20
CA LYS A 142 -2.87 5.96 -11.30
C LYS A 142 -1.71 5.70 -12.27
N GLN A 143 -2.03 5.58 -13.56
CA GLN A 143 -1.04 5.40 -14.62
C GLN A 143 -0.64 6.78 -15.12
N VAL A 144 0.65 7.03 -15.12
CA VAL A 144 1.21 8.28 -15.59
C VAL A 144 2.17 7.96 -16.72
N TYR A 145 2.10 8.76 -17.78
CA TYR A 145 2.92 8.56 -18.95
C TYR A 145 4.36 9.00 -18.70
N VAL A 146 5.30 8.11 -19.02
CA VAL A 146 6.74 8.41 -18.88
C VAL A 146 7.29 8.97 -20.20
N GLU A 147 7.50 10.28 -20.23
CA GLU A 147 8.06 10.92 -21.41
C GLU A 147 9.45 10.40 -21.78
N ASP A 148 9.61 10.05 -23.05
CA ASP A 148 10.85 9.51 -23.58
C ASP A 148 11.80 10.66 -23.85
N PHE A 149 12.85 10.71 -23.05
CA PHE A 149 13.84 11.77 -23.14
C PHE A 149 15.20 11.27 -23.69
N GLU A 150 15.21 10.12 -24.34
CA GLU A 150 16.49 9.60 -24.84
C GLU A 150 17.13 10.61 -25.75
N HIS A 151 18.43 10.85 -25.54
CA HIS A 151 19.21 11.84 -26.30
C HIS A 151 18.82 13.29 -26.04
N LYS A 152 18.10 13.55 -24.95
CA LYS A 152 17.80 14.94 -24.57
C LYS A 152 18.53 15.26 -23.26
N SER A 153 18.33 16.46 -22.73
CA SER A 153 19.02 16.86 -21.50
C SER A 153 18.48 16.12 -20.28
N PHE A 154 19.39 15.53 -19.50
CA PHE A 154 18.98 14.86 -18.28
C PHE A 154 18.33 15.81 -17.27
N SER A 155 18.86 17.04 -17.18
CA SER A 155 18.34 18.05 -16.24
C SER A 155 16.87 18.31 -16.44
N LYS A 156 16.51 18.52 -17.70
CA LYS A 156 15.13 18.70 -18.13
C LYS A 156 14.34 17.40 -17.91
N ALA A 157 14.97 16.25 -18.14
CA ALA A 157 14.32 14.96 -17.90
C ALA A 157 13.98 14.80 -16.42
N LYS A 158 15.00 14.94 -15.57
CA LYS A 158 14.84 14.81 -14.13
C LYS A 158 13.70 15.73 -13.69
N LYS A 159 13.79 17.01 -14.04
CA LYS A 159 12.80 17.97 -13.59
C LYS A 159 11.37 17.68 -14.08
N ALA A 160 11.22 17.36 -15.37
CA ALA A 160 9.89 17.07 -15.93
C ALA A 160 9.26 15.85 -15.27
N LEU A 161 10.07 14.84 -14.99
CA LEU A 161 9.54 13.58 -14.44
C LEU A 161 9.33 13.68 -12.93
N GLU A 162 10.19 14.44 -12.26
CA GLU A 162 9.98 14.78 -10.85
C GLU A 162 8.61 15.43 -10.64
N GLU A 163 8.24 16.35 -11.53
CA GLU A 163 6.98 17.10 -11.45
C GLU A 163 5.76 16.25 -11.80
N LYS A 164 5.98 15.03 -12.29
CA LYS A 164 4.89 14.08 -12.54
C LYS A 164 4.88 13.01 -11.45
N GLY A 165 5.74 13.18 -10.45
CA GLY A 165 5.76 12.30 -9.28
C GLY A 165 6.70 11.12 -9.31
N PHE A 166 7.46 10.99 -10.39
CA PHE A 166 8.41 9.88 -10.55
C PHE A 166 9.63 10.06 -9.68
N LYS A 167 10.16 8.93 -9.24
CA LYS A 167 11.51 8.85 -8.68
C LYS A 167 12.51 8.64 -9.83
N VAL A 168 13.57 9.44 -9.85
CA VAL A 168 14.54 9.44 -10.97
C VAL A 168 15.90 8.98 -10.46
N GLU A 169 16.47 7.96 -11.10
CA GLU A 169 17.82 7.52 -10.80
C GLU A 169 18.73 7.64 -12.03
N SER A 170 20.02 7.80 -11.78
CA SER A 170 20.98 7.91 -12.86
C SER A 170 22.36 7.40 -12.45
N LYS A 171 23.01 6.72 -13.39
CA LYS A 171 24.46 6.50 -13.35
C LYS A 171 25.01 7.32 -14.51
N GLU A 172 26.34 7.47 -14.54
CA GLU A 172 27.00 8.21 -15.62
C GLU A 172 27.95 7.31 -16.40
N GLU A 173 28.07 7.56 -17.70
CA GLU A 173 29.03 6.84 -18.55
C GLU A 173 29.63 7.75 -19.61
N TYR A 174 30.83 7.40 -20.05
CA TYR A 174 31.49 8.12 -21.15
C TYR A 174 30.80 7.84 -22.48
N SER A 175 30.76 8.87 -23.31
CA SER A 175 30.17 8.76 -24.65
C SER A 175 30.90 9.67 -25.60
N ASP A 176 31.06 9.20 -26.82
CA ASP A 176 31.68 9.97 -27.88
C ASP A 176 30.62 10.70 -28.71
N ASP A 177 29.42 10.13 -28.77
CA ASP A 177 28.34 10.71 -29.60
C ASP A 177 27.18 11.39 -28.84
N ILE A 178 27.25 11.43 -27.51
CA ILE A 178 26.19 12.06 -26.71
C ILE A 178 26.76 13.18 -25.83
N ASP A 179 26.25 14.39 -26.01
CA ASP A 179 26.72 15.57 -25.26
C ASP A 179 26.67 15.33 -23.77
N GLU A 180 27.60 15.97 -23.07
CA GLU A 180 27.62 15.93 -21.62
C GLU A 180 26.23 16.32 -21.06
N GLY A 181 25.69 15.47 -20.19
CA GLY A 181 24.44 15.78 -19.51
C GLY A 181 23.21 15.40 -20.32
N ASP A 182 23.43 14.81 -21.49
CA ASP A 182 22.37 14.21 -22.28
C ASP A 182 22.24 12.72 -21.95
N VAL A 183 21.04 12.19 -22.19
CA VAL A 183 20.66 10.86 -21.79
C VAL A 183 21.08 9.84 -22.84
N ILE A 184 21.94 8.91 -22.41
CA ILE A 184 22.28 7.74 -23.21
C ILE A 184 21.07 6.83 -23.31
N SER A 185 20.48 6.48 -22.17
CA SER A 185 19.37 5.53 -22.14
C SER A 185 18.39 5.78 -20.99
N GLN A 186 17.16 5.31 -21.17
CA GLN A 186 16.07 5.52 -20.21
C GLN A 186 15.16 4.32 -20.12
N SER A 187 14.81 3.97 -18.89
CA SER A 187 13.96 2.84 -18.62
C SER A 187 13.15 3.10 -17.35
N PRO A 188 11.80 3.03 -17.45
CA PRO A 188 11.05 2.93 -18.71
C PRO A 188 10.91 4.26 -19.45
N LYS A 189 10.34 4.22 -20.66
CA LYS A 189 10.14 5.43 -21.50
C LYS A 189 9.04 5.12 -22.50
N GLY A 190 8.35 6.15 -22.98
CA GLY A 190 7.37 6.01 -24.07
C GLY A 190 6.15 5.17 -23.75
N LYS A 191 5.74 5.21 -22.48
CA LYS A 191 4.88 4.21 -21.87
C LYS A 191 4.25 4.84 -20.63
N SER A 192 2.97 4.56 -20.35
CA SER A 192 2.44 4.86 -19.03
C SER A 192 2.73 3.74 -18.03
N VAL A 193 3.11 4.11 -16.81
CA VAL A 193 3.42 3.16 -15.73
C VAL A 193 2.88 3.75 -14.42
N ASP A 194 2.85 2.95 -13.36
CA ASP A 194 2.33 3.38 -12.05
C ASP A 194 2.92 4.75 -11.67
N GLU A 195 2.05 5.66 -11.27
CA GLU A 195 2.45 6.89 -10.59
C GLU A 195 3.51 6.63 -9.53
N GLY A 196 4.57 7.44 -9.51
CA GLY A 196 5.58 7.34 -8.46
C GLY A 196 6.66 6.32 -8.71
N SER A 197 6.60 5.67 -9.87
CA SER A 197 7.56 4.66 -10.26
C SER A 197 8.96 5.27 -10.37
N THR A 198 9.98 4.41 -10.33
CA THR A 198 11.38 4.84 -10.51
C THR A 198 11.77 4.77 -12.00
N ILE A 199 12.19 5.90 -12.56
CA ILE A 199 12.75 5.95 -13.92
C ILE A 199 14.28 5.99 -13.85
N SER A 200 14.93 5.06 -14.55
CA SER A 200 16.40 4.90 -14.54
C SER A 200 17.08 5.46 -15.80
N PHE A 201 18.12 6.25 -15.61
CA PHE A 201 18.79 6.98 -16.67
C PHE A 201 20.27 6.63 -16.75
N VAL A 202 20.78 6.47 -17.95
CA VAL A 202 22.22 6.46 -18.17
C VAL A 202 22.55 7.75 -18.89
N VAL A 203 23.44 8.52 -18.27
CA VAL A 203 23.71 9.91 -18.61
C VAL A 203 25.16 10.10 -19.08
N SER A 204 25.33 10.98 -20.05
CA SER A 204 26.63 11.23 -20.64
C SER A 204 27.45 12.22 -19.81
N LYS A 205 28.67 11.81 -19.48
CA LYS A 205 29.68 12.69 -18.89
C LYS A 205 30.80 13.01 -19.91
N GLY A 206 30.43 13.09 -21.18
CA GLY A 206 31.36 13.35 -22.28
C GLY A 206 32.33 12.22 -22.62
N LYS A 207 33.35 12.57 -23.42
CA LYS A 207 34.37 11.62 -23.90
C LYS A 207 35.47 11.34 -22.86
N LYS A 208 35.95 10.09 -22.82
CA LYS A 208 36.93 9.60 -21.83
C LYS A 208 38.21 10.45 -21.72
N SER A 209 38.27 11.52 -22.52
CA SER A 209 39.33 12.53 -22.45
C SER A 209 39.08 13.55 -21.32
N VAL A 214 44.12 13.86 -13.82
CA VAL A 214 44.29 12.44 -13.47
C VAL A 214 45.76 12.01 -13.41
N LYS A 215 46.12 11.28 -12.34
CA LYS A 215 47.45 10.66 -12.21
C LYS A 215 47.32 9.14 -12.20
N THR A 216 48.44 8.44 -12.03
CA THR A 216 48.46 6.98 -12.19
C THR A 216 49.43 6.31 -11.22
N THR A 217 48.88 5.41 -10.40
CA THR A 217 49.67 4.55 -9.52
C THR A 217 49.27 3.10 -9.72
N THR A 218 50.27 2.22 -9.72
CA THR A 218 50.02 0.80 -9.52
C THR A 218 50.44 0.50 -8.09
N GLU A 219 49.44 0.20 -7.26
CA GLU A 219 49.69 -0.22 -5.90
C GLU A 219 49.81 -1.74 -5.90
N SER A 220 50.78 -2.25 -5.16
CA SER A 220 50.93 -3.69 -4.98
C SER A 220 50.51 -4.11 -3.58
N VAL A 221 49.76 -5.21 -3.52
CA VAL A 221 49.40 -5.84 -2.24
C VAL A 221 49.63 -7.36 -2.31
N ASP A 222 50.29 -7.91 -1.29
CA ASP A 222 50.42 -9.34 -1.14
C ASP A 222 49.18 -9.91 -0.46
N VAL A 223 48.42 -10.73 -1.19
CA VAL A 223 47.22 -11.38 -0.62
C VAL A 223 47.60 -12.79 -0.19
N PRO A 224 47.46 -13.11 1.12
CA PRO A 224 47.71 -14.46 1.60
C PRO A 224 46.52 -15.41 1.34
N TYR A 225 46.84 -16.67 1.08
CA TYR A 225 45.83 -17.69 0.91
C TYR A 225 45.58 -18.33 2.26
N THR A 226 44.31 -18.44 2.67
CA THR A 226 44.02 -18.97 3.98
C THR A 226 42.95 -20.09 3.90
N GLY A 227 42.76 -20.65 2.72
CA GLY A 227 41.70 -21.61 2.45
C GLY A 227 41.92 -22.95 3.08
N LYS A 228 40.89 -23.80 3.10
CA LYS A 228 41.02 -25.19 3.57
C LYS A 228 40.72 -26.22 2.47
N ASN A 229 41.18 -27.46 2.67
CA ASN A 229 40.86 -28.57 1.77
C ASN A 229 41.56 -28.45 0.40
N ASP A 230 42.59 -27.59 0.32
CA ASP A 230 43.28 -27.25 -0.94
C ASP A 230 42.30 -26.67 -1.94
N LYS A 231 41.33 -25.96 -1.40
CA LYS A 231 40.33 -25.32 -2.23
C LYS A 231 40.66 -23.84 -2.39
N SER A 232 40.37 -23.30 -3.56
CA SER A 232 40.61 -21.90 -3.85
C SER A 232 39.73 -21.00 -3.00
N GLN A 233 40.20 -19.77 -2.84
CA GLN A 233 39.43 -18.69 -2.25
C GLN A 233 39.24 -17.64 -3.31
N LYS A 234 38.11 -16.95 -3.24
CA LYS A 234 37.81 -15.92 -4.20
C LYS A 234 38.22 -14.55 -3.68
N VAL A 235 38.95 -13.82 -4.52
CA VAL A 235 39.41 -12.49 -4.18
C VAL A 235 38.55 -11.50 -4.95
N LYS A 236 38.10 -10.46 -4.26
CA LYS A 236 37.39 -9.36 -4.88
C LYS A 236 38.04 -8.06 -4.45
N VAL A 237 38.44 -7.28 -5.45
CA VAL A 237 39.10 -6.01 -5.28
C VAL A 237 38.10 -4.91 -5.66
N TYR A 238 37.87 -4.00 -4.73
CA TYR A 238 36.95 -2.87 -4.95
C TYR A 238 37.78 -1.62 -4.92
N ILE A 239 37.58 -0.76 -5.91
CA ILE A 239 38.37 0.47 -6.07
C ILE A 239 37.46 1.69 -6.02
N LYS A 240 37.90 2.74 -5.33
CA LYS A 240 37.31 4.08 -5.44
C LYS A 240 38.38 5.01 -5.99
N ASP A 241 38.21 5.49 -7.22
CA ASP A 241 39.16 6.43 -7.86
C ASP A 241 38.46 7.37 -8.84
N LYS A 242 39.17 7.87 -9.85
CA LYS A 242 38.59 8.86 -10.79
C LYS A 242 37.25 8.40 -11.39
N ASP A 243 37.19 7.15 -11.85
CA ASP A 243 36.07 6.65 -12.62
C ASP A 243 35.36 5.46 -11.97
N ASN A 244 35.60 5.27 -10.68
CA ASN A 244 35.10 4.10 -9.99
C ASN A 244 34.68 4.49 -8.59
N ASP A 245 33.47 4.07 -8.23
CA ASP A 245 32.79 4.55 -7.02
C ASP A 245 32.80 3.48 -5.93
N GLY A 246 33.64 2.45 -6.11
CA GLY A 246 33.77 1.33 -5.17
C GLY A 246 32.49 0.53 -5.02
N SER A 247 31.65 0.58 -6.06
CA SER A 247 30.30 0.04 -6.03
C SER A 247 30.33 -1.47 -6.15
N THR A 248 30.90 -1.95 -7.25
CA THR A 248 31.09 -3.36 -7.51
C THR A 248 32.59 -3.62 -7.69
N GLU A 249 32.99 -4.89 -7.73
CA GLU A 249 34.41 -5.21 -7.78
C GLU A 249 35.09 -4.83 -9.09
N LYS A 250 36.26 -4.22 -8.98
CA LYS A 250 37.12 -3.96 -10.11
C LYS A 250 37.96 -5.19 -10.48
N GLY A 251 38.01 -6.17 -9.57
CA GLY A 251 38.81 -7.39 -9.74
C GLY A 251 38.12 -8.60 -9.12
N SER A 252 38.22 -9.74 -9.79
CA SER A 252 37.57 -10.99 -9.35
C SER A 252 38.34 -12.20 -9.87
N PHE A 253 38.94 -12.96 -8.96
CA PHE A 253 39.79 -14.10 -9.33
C PHE A 253 39.97 -15.05 -8.16
N ASP A 254 40.27 -16.30 -8.47
CA ASP A 254 40.55 -17.32 -7.46
C ASP A 254 42.03 -17.37 -7.14
N ILE A 255 42.29 -17.78 -5.91
CA ILE A 255 43.62 -17.83 -5.32
C ILE A 255 43.74 -19.23 -4.71
N THR A 256 44.90 -19.85 -4.86
CA THR A 256 45.18 -21.13 -4.23
C THR A 256 46.51 -21.06 -3.48
N SER A 257 47.15 -19.91 -3.53
CA SER A 257 48.42 -19.66 -2.82
C SER A 257 48.61 -18.14 -2.68
N ASP A 258 49.60 -17.74 -1.90
CA ASP A 258 49.89 -16.33 -1.71
C ASP A 258 50.13 -15.65 -3.05
N GLN A 259 49.43 -14.54 -3.28
CA GLN A 259 49.52 -13.81 -4.53
C GLN A 259 49.76 -12.31 -4.36
N ARG A 260 50.81 -11.83 -5.00
CA ARG A 260 51.06 -10.40 -5.14
C ARG A 260 50.10 -9.92 -6.21
N ILE A 261 49.37 -8.85 -5.90
CA ILE A 261 48.36 -8.31 -6.80
C ILE A 261 48.62 -6.83 -6.98
N ASP A 262 48.45 -6.36 -8.21
CA ASP A 262 48.67 -4.97 -8.53
C ASP A 262 47.35 -4.29 -8.77
N ILE A 263 47.18 -3.10 -8.21
CA ILE A 263 45.91 -2.39 -8.32
C ILE A 263 46.10 -1.00 -8.92
N PRO A 264 45.82 -0.86 -10.23
CA PRO A 264 45.93 0.45 -10.88
C PRO A 264 44.88 1.44 -10.35
N LEU A 265 45.34 2.61 -9.93
CA LEU A 265 44.47 3.70 -9.48
C LEU A 265 44.74 5.01 -10.25
N ARG A 266 43.67 5.67 -10.69
CA ARG A 266 43.79 6.98 -11.34
C ARG A 266 43.02 8.06 -10.57
N ILE A 267 43.77 9.06 -10.11
CA ILE A 267 43.26 10.04 -9.14
C ILE A 267 43.27 11.47 -9.70
N GLU A 268 42.18 12.20 -9.51
CA GLU A 268 42.10 13.63 -9.90
C GLU A 268 42.90 14.56 -8.98
N LYS A 269 42.91 15.86 -9.29
CA LYS A 269 43.50 16.85 -8.38
C LYS A 269 42.65 16.91 -7.11
N GLY A 270 43.32 17.14 -5.98
CA GLY A 270 42.68 17.36 -4.68
C GLY A 270 41.78 16.24 -4.18
N LYS A 271 42.06 15.01 -4.60
CA LYS A 271 41.29 13.85 -4.19
C LYS A 271 42.13 12.64 -3.77
N THR A 272 41.47 11.70 -3.09
CA THR A 272 42.06 10.43 -2.70
C THR A 272 41.34 9.30 -3.42
N ALA A 273 42.10 8.27 -3.75
CA ALA A 273 41.53 7.00 -4.19
C ALA A 273 41.81 5.95 -3.12
N SER A 274 41.09 4.83 -3.17
CA SER A 274 41.29 3.75 -2.22
C SER A 274 40.97 2.38 -2.84
N TYR A 275 41.55 1.33 -2.26
CA TYR A 275 41.16 -0.04 -2.59
C TYR A 275 40.83 -0.86 -1.37
N ILE A 276 39.86 -1.76 -1.54
CA ILE A 276 39.62 -2.83 -0.57
C ILE A 276 39.83 -4.13 -1.29
N VAL A 277 40.49 -5.07 -0.63
CA VAL A 277 40.66 -6.43 -1.12
C VAL A 277 40.02 -7.37 -0.10
N LYS A 278 38.97 -8.07 -0.53
CA LYS A 278 38.32 -9.11 0.26
C LYS A 278 38.64 -10.52 -0.26
N VAL A 279 38.65 -11.49 0.66
CA VAL A 279 38.95 -12.90 0.35
C VAL A 279 37.84 -13.74 0.96
N ASP A 280 37.08 -14.43 0.12
CA ASP A 280 35.84 -15.09 0.59
C ASP A 280 34.97 -14.19 1.48
N GLY A 281 34.74 -12.95 1.06
CA GLY A 281 33.81 -12.05 1.76
C GLY A 281 34.40 -11.20 2.87
N LYS A 282 35.58 -11.57 3.36
CA LYS A 282 36.21 -10.87 4.47
C LYS A 282 37.29 -9.93 4.00
N THR A 283 37.27 -8.71 4.51
CA THR A 283 38.32 -7.71 4.24
C THR A 283 39.65 -8.22 4.72
N VAL A 284 40.63 -8.22 3.83
CA VAL A 284 41.97 -8.68 4.17
C VAL A 284 42.96 -7.49 4.17
N ALA A 285 42.81 -6.60 3.18
CA ALA A 285 43.66 -5.44 3.03
C ALA A 285 42.86 -4.24 2.49
N GLU A 286 43.29 -3.04 2.88
CA GLU A 286 42.72 -1.78 2.36
C GLU A 286 43.74 -0.65 2.46
N LYS A 287 43.59 0.37 1.63
CA LYS A 287 44.50 1.50 1.61
C LYS A 287 43.89 2.70 0.93
N GLU A 288 44.13 3.88 1.50
CA GLU A 288 43.86 5.18 0.85
C GLU A 288 45.12 5.71 0.19
N VAL A 289 44.97 6.26 -1.01
CA VAL A 289 46.08 6.91 -1.72
C VAL A 289 45.66 8.29 -2.26
N SER A 290 46.46 9.30 -1.92
CA SER A 290 46.24 10.67 -2.38
C SER A 290 46.91 10.95 -3.72
N TYR A 291 46.31 11.86 -4.51
CA TYR A 291 46.81 12.27 -5.83
C TYR A 291 48.36 12.49 -5.93
N ASP A 292 49.08 12.18 -4.84
CA ASP A 292 50.55 12.20 -4.82
C ASP A 292 51.18 11.04 -5.62
EU EU B . -64.81 4.31 15.79
EU EU C . -31.38 -3.84 23.36
EU EU D . 47.57 -29.80 0.75
EU EU E . -29.60 4.28 2.24
#